data_6C57
#
_entry.id   6C57
#
_cell.length_a   185.450
_cell.length_b   185.450
_cell.length_c   114.200
_cell.angle_alpha   90.00
_cell.angle_beta   90.00
_cell.angle_gamma   90.00
#
_symmetry.space_group_name_H-M   'I 4 2 2'
#
loop_
_entity.id
_entity.type
_entity.pdbx_description
1 polymer 'Geranylgeranyl pyrophosphate synthase'
2 non-polymer '{[(2-{3-[(4-fluorobenzene-1-carbonyl)amino]phenyl}thieno[2,3-d]pyrimidin-4-yl)amino]methylene}bis(phosphonic acid)'
3 water water
#
_entity_poly.entity_id   1
_entity_poly.type   'polypeptide(L)'
_entity_poly.pdbx_seq_one_letter_code
;MHHHHHHSSGVDLGTENLYFQSMEKTQETVQRILLEPYKYLLQLPGKQVRTKLSQAFNHWLKVPEDKLQIIIEVTEMLHN
ASLLIDDIEDNSKLRRGFPVAHSIYGIPSVINSANYVYFLGLEKVLTLDHPDAVKLFTRQLLELHQGQGLDIYWRDNYTC
PTEEEYKAMVLQKTGGLFGLAVGLMQLFSDYKEDLKPLLNTLGLFFQIRDDYANLHSKEYSENKSFCEDLTEGKFSFPTI
HAIWSRPESTQVQNILRQRTENIDIKKDCVHYLEDVGSFEYTRNTLKELEAKAYKQIDARGGNPELVALVKHLSKMFKEE
NE
;
_entity_poly.pdbx_strand_id   A,B
#
# COMPACT_ATOMS: atom_id res chain seq x y z
N TYR A 19 -19.15 21.97 -22.20
CA TYR A 19 -18.66 20.57 -22.41
C TYR A 19 -17.23 20.35 -21.84
N PHE A 20 -17.10 20.44 -20.52
CA PHE A 20 -15.93 19.89 -19.78
C PHE A 20 -16.25 18.48 -19.25
N GLN A 21 -17.00 17.73 -20.07
CA GLN A 21 -17.13 16.27 -20.02
C GLN A 21 -15.74 15.63 -20.19
N SER A 22 -14.71 16.45 -20.50
CA SER A 22 -13.31 15.99 -20.59
C SER A 22 -12.75 15.44 -19.27
N MET A 23 -13.12 16.06 -18.13
CA MET A 23 -12.68 15.56 -16.80
C MET A 23 -13.46 14.27 -16.44
N GLU A 24 -14.74 14.21 -16.82
CA GLU A 24 -15.57 13.01 -16.62
C GLU A 24 -15.02 11.77 -17.39
N LYS A 25 -14.52 11.99 -18.62
CA LYS A 25 -13.85 10.94 -19.44
C LYS A 25 -12.54 10.67 -18.75
N THR A 26 -11.65 11.68 -18.70
CA THR A 26 -10.31 11.48 -18.12
C THR A 26 -10.37 10.73 -16.76
N GLN A 27 -11.45 10.92 -15.99
CA GLN A 27 -11.64 10.27 -14.68
C GLN A 27 -12.09 8.80 -14.73
N GLU A 28 -13.07 8.50 -15.58
CA GLU A 28 -13.64 7.16 -15.72
C GLU A 28 -12.59 6.19 -16.22
N THR A 29 -11.72 6.74 -17.06
CA THR A 29 -10.56 6.07 -17.64
C THR A 29 -9.63 5.58 -16.59
N VAL A 30 -9.20 6.51 -15.74
CA VAL A 30 -8.21 6.26 -14.68
C VAL A 30 -8.59 5.08 -13.76
N GLN A 31 -9.91 4.93 -13.51
CA GLN A 31 -10.41 3.84 -12.68
C GLN A 31 -10.22 2.52 -13.41
N ARG A 32 -10.55 2.49 -14.71
CA ARG A 32 -10.42 1.29 -15.50
C ARG A 32 -8.92 0.88 -15.45
N ILE A 33 -8.05 1.85 -15.77
CA ILE A 33 -6.59 1.67 -15.85
C ILE A 33 -6.08 1.12 -14.54
N LEU A 34 -6.45 1.82 -13.47
CA LEU A 34 -5.92 1.54 -12.16
C LEU A 34 -6.23 0.17 -11.64
N LEU A 35 -7.34 -0.40 -12.07
CA LEU A 35 -7.67 -1.72 -11.58
C LEU A 35 -7.23 -2.88 -12.47
N GLU A 36 -6.58 -2.59 -13.59
CA GLU A 36 -6.30 -3.63 -14.57
C GLU A 36 -5.37 -4.75 -14.09
N PRO A 37 -4.27 -4.39 -13.47
CA PRO A 37 -3.45 -5.44 -12.86
C PRO A 37 -4.18 -6.22 -11.75
N TYR A 38 -5.01 -5.54 -10.95
CA TYR A 38 -5.85 -6.20 -9.93
C TYR A 38 -6.78 -7.21 -10.58
N LYS A 39 -7.41 -6.77 -11.67
CA LYS A 39 -8.29 -7.65 -12.39
C LYS A 39 -7.53 -8.80 -12.99
N TYR A 40 -6.37 -8.51 -13.60
CA TYR A 40 -5.56 -9.57 -14.18
C TYR A 40 -5.34 -10.71 -13.22
N LEU A 41 -5.19 -10.40 -11.94
CA LEU A 41 -5.04 -11.45 -10.95
C LEU A 41 -6.32 -12.16 -10.56
N LEU A 42 -7.44 -11.46 -10.54
CA LEU A 42 -8.70 -12.15 -10.26
C LEU A 42 -9.02 -13.24 -11.23
N GLN A 43 -8.75 -13.01 -12.51
CA GLN A 43 -9.16 -13.95 -13.56
C GLN A 43 -8.37 -15.29 -13.54
N LEU A 44 -7.21 -15.33 -12.88
CA LEU A 44 -6.56 -16.63 -12.59
C LEU A 44 -7.54 -17.44 -11.64
N PRO A 45 -7.42 -18.78 -11.59
CA PRO A 45 -8.43 -19.73 -11.04
C PRO A 45 -9.05 -19.53 -9.61
N GLY A 46 -10.33 -19.90 -9.46
CA GLY A 46 -11.01 -20.18 -8.16
C GLY A 46 -11.00 -19.20 -6.96
N LYS A 47 -11.40 -17.94 -7.16
CA LYS A 47 -11.75 -17.00 -6.06
C LYS A 47 -13.04 -17.42 -5.29
N GLN A 48 -13.70 -18.53 -5.68
CA GLN A 48 -14.88 -19.01 -5.01
C GLN A 48 -14.53 -19.77 -3.69
N VAL A 49 -13.24 -20.07 -3.40
CA VAL A 49 -12.85 -20.89 -2.19
C VAL A 49 -12.67 -20.10 -0.89
N ARG A 50 -12.35 -18.79 -1.03
CA ARG A 50 -12.23 -17.90 0.16
C ARG A 50 -13.64 -17.72 0.73
N THR A 51 -14.53 -17.22 -0.13
CA THR A 51 -15.99 -17.16 0.13
C THR A 51 -16.60 -18.42 0.80
N LYS A 52 -16.26 -19.61 0.29
CA LYS A 52 -16.70 -20.85 0.90
C LYS A 52 -16.33 -20.84 2.39
N LEU A 53 -15.11 -20.41 2.71
CA LEU A 53 -14.58 -20.51 4.07
C LEU A 53 -15.29 -19.58 5.08
N SER A 54 -15.35 -18.29 4.80
CA SER A 54 -15.96 -17.33 5.72
C SER A 54 -17.45 -17.63 5.99
N GLN A 55 -18.17 -18.04 4.96
CA GLN A 55 -19.53 -18.63 5.12
C GLN A 55 -19.55 -19.74 6.22
N ALA A 56 -18.54 -20.60 6.22
CA ALA A 56 -18.45 -21.66 7.23
C ALA A 56 -18.28 -21.11 8.63
N PHE A 57 -17.49 -20.04 8.71
CA PHE A 57 -17.22 -19.44 9.99
C PHE A 57 -18.45 -18.74 10.55
N ASN A 58 -19.34 -18.36 9.67
CA ASN A 58 -20.57 -17.73 10.10
C ASN A 58 -21.54 -18.64 10.87
N HIS A 59 -21.38 -19.96 10.73
CA HIS A 59 -22.09 -20.90 11.61
C HIS A 59 -21.80 -20.69 13.12
N TRP A 60 -20.75 -19.93 13.45
CA TRP A 60 -20.54 -19.43 14.83
C TRP A 60 -20.88 -17.94 15.00
N LEU A 61 -20.47 -17.13 14.06
CA LEU A 61 -20.57 -15.70 14.24
C LEU A 61 -22.00 -15.14 13.96
N LYS A 62 -22.81 -15.92 13.26
CA LYS A 62 -24.13 -15.51 12.76
C LYS A 62 -24.25 -14.02 12.31
N VAL A 63 -23.22 -13.48 11.63
CA VAL A 63 -23.16 -12.07 11.08
C VAL A 63 -24.17 -11.76 9.96
N PRO A 64 -24.61 -10.49 9.81
CA PRO A 64 -25.56 -10.15 8.73
C PRO A 64 -25.01 -10.33 7.35
N GLU A 65 -25.82 -10.89 6.46
CA GLU A 65 -25.38 -11.24 5.12
C GLU A 65 -24.73 -10.05 4.43
N ASP A 66 -25.26 -8.84 4.63
CA ASP A 66 -24.68 -7.66 3.97
C ASP A 66 -23.36 -7.17 4.57
N LYS A 67 -23.15 -7.40 5.85
CA LYS A 67 -21.86 -7.06 6.44
C LYS A 67 -20.85 -8.11 6.07
N LEU A 68 -21.31 -9.35 5.86
CA LEU A 68 -20.40 -10.39 5.43
C LEU A 68 -19.82 -10.08 4.07
N GLN A 69 -20.69 -9.74 3.13
CA GLN A 69 -20.27 -9.39 1.77
C GLN A 69 -19.20 -8.34 1.71
N ILE A 70 -19.24 -7.39 2.61
CA ILE A 70 -18.21 -6.38 2.66
C ILE A 70 -16.93 -6.92 3.26
N ILE A 71 -17.05 -7.76 4.27
CA ILE A 71 -15.86 -8.32 4.92
C ILE A 71 -15.12 -9.21 3.91
N ILE A 72 -15.90 -9.95 3.14
CA ILE A 72 -15.39 -10.72 2.03
C ILE A 72 -14.75 -9.86 0.94
N GLU A 73 -15.50 -8.92 0.35
CA GLU A 73 -14.91 -7.94 -0.61
C GLU A 73 -13.58 -7.40 -0.12
N VAL A 74 -13.50 -7.03 1.15
CA VAL A 74 -12.27 -6.46 1.67
C VAL A 74 -11.16 -7.48 1.66
N THR A 75 -11.40 -8.58 2.34
CA THR A 75 -10.41 -9.63 2.39
C THR A 75 -9.84 -9.99 1.00
N GLU A 76 -10.76 -10.19 0.06
CA GLU A 76 -10.41 -10.56 -1.28
C GLU A 76 -9.61 -9.45 -2.00
N MET A 77 -9.95 -8.17 -1.77
CA MET A 77 -9.12 -7.06 -2.30
C MET A 77 -7.71 -7.08 -1.73
N LEU A 78 -7.62 -7.22 -0.41
CA LEU A 78 -6.34 -7.16 0.23
C LEU A 78 -5.48 -8.30 -0.25
N HIS A 79 -6.09 -9.46 -0.44
CA HIS A 79 -5.32 -10.64 -0.86
C HIS A 79 -4.55 -10.46 -2.16
N ASN A 80 -5.30 -10.07 -3.19
CA ASN A 80 -4.75 -9.94 -4.52
C ASN A 80 -3.81 -8.79 -4.57
N ALA A 81 -4.20 -7.63 -4.07
CA ALA A 81 -3.22 -6.57 -3.99
C ALA A 81 -1.97 -7.09 -3.31
N SER A 82 -2.10 -7.89 -2.28
CA SER A 82 -0.90 -8.38 -1.64
C SER A 82 -0.09 -9.37 -2.46
N LEU A 83 -0.73 -10.08 -3.38
CA LEU A 83 0.02 -10.95 -4.31
C LEU A 83 0.76 -10.19 -5.39
N LEU A 84 0.11 -9.19 -5.99
CA LEU A 84 0.81 -8.30 -6.92
C LEU A 84 2.18 -7.79 -6.40
N ILE A 85 2.22 -7.38 -5.15
CA ILE A 85 3.43 -6.92 -4.51
C ILE A 85 4.35 -8.10 -4.24
N ASP A 86 3.82 -9.19 -3.70
CA ASP A 86 4.62 -10.37 -3.41
C ASP A 86 5.41 -10.86 -4.64
N ASP A 87 4.76 -10.81 -5.80
CA ASP A 87 5.41 -11.26 -7.02
C ASP A 87 6.56 -10.33 -7.37
N ILE A 88 6.30 -9.02 -7.37
CA ILE A 88 7.38 -8.06 -7.60
C ILE A 88 8.48 -8.29 -6.63
N GLU A 89 8.11 -8.40 -5.37
CA GLU A 89 9.13 -8.42 -4.34
C GLU A 89 9.90 -9.70 -4.40
N ASP A 90 9.26 -10.83 -4.72
CA ASP A 90 9.96 -12.12 -4.78
C ASP A 90 10.64 -12.41 -6.14
N ASN A 91 10.59 -11.41 -7.02
CA ASN A 91 10.83 -11.59 -8.42
C ASN A 91 10.35 -12.92 -8.91
N SER A 92 9.04 -13.11 -8.79
CA SER A 92 8.42 -14.20 -9.44
C SER A 92 8.35 -13.82 -10.91
N LYS A 93 8.32 -14.88 -11.71
CA LYS A 93 8.26 -14.82 -13.16
C LYS A 93 6.87 -15.23 -13.65
N LEU A 94 6.32 -16.29 -13.05
CA LEU A 94 4.94 -16.79 -13.24
C LEU A 94 4.05 -16.92 -11.98
N ARG A 95 2.74 -16.94 -12.20
CA ARG A 95 1.80 -17.13 -11.12
C ARG A 95 0.66 -17.92 -11.62
N ARG A 96 0.41 -19.07 -11.00
CA ARG A 96 -0.64 -20.03 -11.43
C ARG A 96 -0.53 -20.29 -12.96
N GLY A 97 0.73 -20.39 -13.41
CA GLY A 97 1.03 -20.72 -14.78
C GLY A 97 1.20 -19.58 -15.75
N PHE A 98 0.57 -18.43 -15.54
CA PHE A 98 0.61 -17.36 -16.53
C PHE A 98 1.68 -16.34 -16.12
N PRO A 99 2.03 -15.43 -17.00
CA PRO A 99 2.96 -14.47 -16.51
C PRO A 99 2.38 -13.65 -15.35
N VAL A 100 3.28 -13.22 -14.50
CA VAL A 100 2.91 -12.38 -13.40
C VAL A 100 2.49 -11.03 -13.89
N ALA A 101 1.71 -10.36 -13.06
CA ALA A 101 1.10 -9.08 -13.36
C ALA A 101 2.03 -8.04 -13.82
N HIS A 102 3.24 -7.96 -13.23
CA HIS A 102 4.13 -6.85 -13.55
C HIS A 102 4.83 -6.98 -14.85
N SER A 103 5.18 -8.20 -15.22
CA SER A 103 5.76 -8.48 -16.53
C SER A 103 4.77 -8.18 -17.66
N ILE A 104 3.51 -7.96 -17.37
CA ILE A 104 2.62 -7.48 -18.40
C ILE A 104 2.45 -5.99 -18.30
N TYR A 105 1.90 -5.53 -17.21
CA TYR A 105 1.52 -4.13 -17.09
C TYR A 105 2.69 -3.27 -16.64
N GLY A 106 3.67 -3.90 -15.97
CA GLY A 106 4.89 -3.20 -15.64
C GLY A 106 4.90 -2.67 -14.25
N ILE A 107 6.08 -2.66 -13.64
CA ILE A 107 6.21 -2.46 -12.22
C ILE A 107 5.44 -1.29 -11.66
N PRO A 108 5.62 -0.09 -12.23
CA PRO A 108 4.97 1.08 -11.65
C PRO A 108 3.49 0.99 -11.72
N SER A 109 2.95 0.78 -12.93
CA SER A 109 1.55 0.48 -13.09
C SER A 109 0.96 -0.54 -12.08
N VAL A 110 1.71 -1.58 -11.68
CA VAL A 110 1.23 -2.59 -10.71
C VAL A 110 1.27 -2.07 -9.29
N ILE A 111 2.45 -1.69 -8.82
CA ILE A 111 2.55 -1.01 -7.51
C ILE A 111 1.37 -0.05 -7.29
N ASN A 112 1.13 0.87 -8.22
CA ASN A 112 -0.05 1.72 -8.15
C ASN A 112 -1.36 1.01 -7.91
N SER A 113 -1.62 -0.03 -8.66
CA SER A 113 -2.88 -0.72 -8.56
C SER A 113 -3.01 -1.43 -7.25
N ALA A 114 -2.01 -2.18 -6.83
CA ALA A 114 -2.10 -2.78 -5.51
C ALA A 114 -2.36 -1.70 -4.43
N ASN A 115 -1.49 -0.69 -4.33
CA ASN A 115 -1.66 0.38 -3.32
C ASN A 115 -3.04 1.02 -3.39
N TYR A 116 -3.50 1.41 -4.55
CA TYR A 116 -4.89 1.90 -4.69
C TYR A 116 -5.93 0.90 -4.21
N VAL A 117 -5.79 -0.35 -4.59
CA VAL A 117 -6.70 -1.34 -4.08
C VAL A 117 -6.66 -1.42 -2.56
N TYR A 118 -5.48 -1.33 -1.95
CA TYR A 118 -5.42 -1.43 -0.49
C TYR A 118 -6.29 -0.29 0.01
N PHE A 119 -6.03 0.95 -0.42
CA PHE A 119 -6.87 2.04 0.08
C PHE A 119 -8.34 2.00 -0.32
N LEU A 120 -8.72 1.36 -1.42
CA LEU A 120 -10.14 1.16 -1.68
C LEU A 120 -10.76 0.20 -0.67
N GLY A 121 -9.91 -0.63 -0.09
CA GLY A 121 -10.35 -1.55 0.94
C GLY A 121 -10.52 -0.87 2.25
N LEU A 122 -9.72 0.18 2.49
CA LEU A 122 -9.92 1.02 3.66
C LEU A 122 -11.28 1.61 3.53
N GLU A 123 -11.49 2.31 2.43
CA GLU A 123 -12.74 2.96 2.17
C GLU A 123 -13.94 2.02 2.38
N LYS A 124 -13.72 0.76 2.03
CA LYS A 124 -14.74 -0.24 2.18
C LYS A 124 -14.98 -0.63 3.63
N VAL A 125 -13.91 -0.84 4.37
CA VAL A 125 -14.02 -1.11 5.80
C VAL A 125 -14.74 0.02 6.53
N LEU A 126 -14.51 1.27 6.11
CA LEU A 126 -15.22 2.40 6.68
C LEU A 126 -16.70 2.24 6.64
N THR A 127 -17.18 1.59 5.60
CA THR A 127 -18.63 1.39 5.47
C THR A 127 -19.23 0.39 6.47
N LEU A 128 -18.41 -0.47 7.07
CA LEU A 128 -18.90 -1.25 8.20
C LEU A 128 -19.44 -0.36 9.34
N ASP A 129 -18.91 0.85 9.44
CA ASP A 129 -19.45 1.90 10.32
C ASP A 129 -19.30 1.56 11.81
N HIS A 130 -18.21 0.91 12.13
CA HIS A 130 -17.89 0.42 13.46
C HIS A 130 -16.40 0.76 13.68
N PRO A 131 -16.09 1.53 14.72
CA PRO A 131 -14.75 2.14 14.78
C PRO A 131 -13.56 1.19 14.87
N ASP A 132 -13.78 0.06 15.58
CA ASP A 132 -12.73 -0.95 15.69
C ASP A 132 -12.28 -1.64 14.39
N ALA A 133 -13.15 -1.61 13.38
CA ALA A 133 -12.82 -2.17 12.09
C ALA A 133 -11.62 -1.50 11.44
N VAL A 134 -11.53 -0.19 11.50
CA VAL A 134 -10.37 0.47 10.95
C VAL A 134 -9.20 0.07 11.80
N LYS A 135 -9.37 0.11 13.12
CA LYS A 135 -8.29 -0.30 14.00
C LYS A 135 -7.72 -1.63 13.46
N LEU A 136 -8.58 -2.60 13.19
CA LEU A 136 -8.14 -3.97 12.87
C LEU A 136 -7.41 -4.10 11.54
N PHE A 137 -8.00 -3.48 10.53
CA PHE A 137 -7.50 -3.42 9.16
C PHE A 137 -6.11 -2.85 9.19
N THR A 138 -5.97 -1.73 9.87
CA THR A 138 -4.69 -1.09 10.00
C THR A 138 -3.65 -2.00 10.65
N ARG A 139 -4.04 -2.76 11.68
CA ARG A 139 -3.08 -3.68 12.28
C ARG A 139 -2.69 -4.74 11.31
N GLN A 140 -3.66 -5.36 10.65
CA GLN A 140 -3.39 -6.50 9.75
C GLN A 140 -2.54 -6.06 8.60
N LEU A 141 -2.78 -4.89 8.03
CA LEU A 141 -1.88 -4.37 6.98
C LEU A 141 -0.47 -4.11 7.46
N LEU A 142 -0.37 -3.43 8.59
CA LEU A 142 0.94 -3.22 9.16
C LEU A 142 1.65 -4.55 9.35
N GLU A 143 0.91 -5.62 9.65
CA GLU A 143 1.49 -6.93 9.94
C GLU A 143 2.02 -7.49 8.65
N LEU A 144 1.15 -7.61 7.67
CA LEU A 144 1.48 -7.99 6.31
C LEU A 144 2.76 -7.37 5.83
N HIS A 145 2.96 -6.09 6.08
CA HIS A 145 4.19 -5.46 5.64
C HIS A 145 5.44 -5.93 6.35
N GLN A 146 5.26 -6.35 7.58
CA GLN A 146 6.34 -6.94 8.36
C GLN A 146 6.62 -8.35 7.91
N GLY A 147 5.65 -8.98 7.34
CA GLY A 147 5.85 -10.29 6.79
C GLY A 147 6.75 -10.16 5.61
N GLN A 148 6.32 -9.32 4.66
CA GLN A 148 7.13 -8.96 3.50
C GLN A 148 8.51 -8.49 4.03
N GLY A 149 8.48 -7.75 5.12
CA GLY A 149 9.72 -7.41 5.81
C GLY A 149 10.72 -8.54 6.01
N LEU A 150 10.32 -9.51 6.82
CA LEU A 150 11.07 -10.73 7.07
C LEU A 150 11.54 -11.46 5.86
N ASP A 151 10.68 -11.50 4.86
CA ASP A 151 10.97 -12.32 3.68
C ASP A 151 12.23 -11.72 3.08
N ILE A 152 12.24 -10.42 2.93
CA ILE A 152 13.38 -9.78 2.33
C ILE A 152 14.54 -9.79 3.32
N TYR A 153 14.34 -9.58 4.61
CA TYR A 153 15.43 -9.71 5.62
C TYR A 153 16.24 -10.95 5.40
N TRP A 154 15.53 -12.05 5.15
CA TRP A 154 16.19 -13.31 5.01
C TRP A 154 16.90 -13.33 3.72
N ARG A 155 16.17 -13.03 2.67
CA ARG A 155 16.79 -12.89 1.37
C ARG A 155 18.08 -12.04 1.45
N ASP A 156 18.03 -10.82 2.01
CA ASP A 156 19.21 -9.89 1.98
C ASP A 156 20.40 -10.50 2.69
N ASN A 157 20.13 -11.33 3.71
CA ASN A 157 21.15 -11.98 4.55
C ASN A 157 21.59 -13.32 4.01
N TYR A 158 21.22 -13.67 2.77
CA TYR A 158 21.56 -14.92 2.12
C TYR A 158 21.27 -16.07 3.07
N THR A 159 20.00 -16.23 3.45
CA THR A 159 19.61 -17.23 4.47
C THR A 159 18.26 -17.83 4.28
N CYS A 160 18.15 -19.16 4.41
CA CYS A 160 16.87 -19.86 4.32
C CYS A 160 16.33 -19.95 5.76
N PRO A 161 15.04 -19.58 5.98
CA PRO A 161 14.54 -19.56 7.37
C PRO A 161 14.21 -20.98 7.81
N THR A 162 14.06 -21.19 9.12
CA THR A 162 13.65 -22.49 9.64
C THR A 162 12.19 -22.76 9.35
N GLU A 163 11.76 -24.00 9.60
CA GLU A 163 10.35 -24.32 9.45
C GLU A 163 9.55 -23.49 10.46
N GLU A 164 10.02 -23.49 11.71
CA GLU A 164 9.51 -22.67 12.79
C GLU A 164 9.24 -21.23 12.31
N GLU A 165 10.26 -20.62 11.76
CA GLU A 165 10.18 -19.23 11.28
C GLU A 165 9.26 -19.05 10.06
N TYR A 166 9.31 -20.02 9.16
CA TYR A 166 8.46 -19.99 7.97
C TYR A 166 6.99 -19.84 8.33
N LYS A 167 6.55 -20.65 9.28
CA LYS A 167 5.19 -20.62 9.78
C LYS A 167 4.85 -19.23 10.36
N ALA A 168 5.77 -18.67 11.15
CA ALA A 168 5.60 -17.30 11.63
C ALA A 168 5.30 -16.33 10.50
N MET A 169 6.15 -16.32 9.48
CA MET A 169 5.95 -15.45 8.33
C MET A 169 4.59 -15.65 7.66
N VAL A 170 4.11 -16.87 7.61
CA VAL A 170 2.82 -17.16 6.98
C VAL A 170 1.65 -16.56 7.79
N LEU A 171 1.66 -16.77 9.09
CA LEU A 171 0.60 -16.20 9.89
C LEU A 171 0.63 -14.65 9.82
N GLN A 172 1.81 -14.06 9.66
CA GLN A 172 1.93 -12.61 9.55
C GLN A 172 1.39 -12.11 8.23
N LYS A 173 1.73 -12.84 7.16
CA LYS A 173 1.58 -12.30 5.83
C LYS A 173 0.20 -12.61 5.26
N THR A 174 0.14 -13.28 4.10
CA THR A 174 -1.07 -13.45 3.27
C THR A 174 -1.96 -14.58 3.90
N GLY A 175 -1.33 -15.66 4.35
CA GLY A 175 -2.02 -16.62 5.24
C GLY A 175 -2.67 -15.99 6.46
N GLY A 176 -2.09 -14.89 6.94
CA GLY A 176 -2.73 -14.01 7.92
C GLY A 176 -4.14 -13.49 7.64
N LEU A 177 -4.52 -13.36 6.37
CA LEU A 177 -5.66 -12.50 6.04
C LEU A 177 -7.00 -13.15 6.36
N PHE A 178 -6.99 -14.36 6.93
CA PHE A 178 -8.22 -14.92 7.47
C PHE A 178 -8.56 -14.16 8.71
N GLY A 179 -7.57 -13.93 9.57
CA GLY A 179 -7.79 -13.30 10.84
C GLY A 179 -8.41 -11.93 10.78
N LEU A 180 -8.13 -11.22 9.69
CA LEU A 180 -8.81 -9.94 9.49
C LEU A 180 -10.31 -10.16 9.41
N ALA A 181 -10.73 -11.04 8.51
CA ALA A 181 -12.15 -11.32 8.28
C ALA A 181 -12.81 -11.93 9.50
N VAL A 182 -12.31 -13.05 10.00
CA VAL A 182 -12.93 -13.62 11.17
C VAL A 182 -12.96 -12.60 12.32
N GLY A 183 -11.97 -11.72 12.38
CA GLY A 183 -11.96 -10.70 13.41
C GLY A 183 -12.96 -9.57 13.19
N LEU A 184 -13.10 -9.18 11.95
CA LEU A 184 -14.13 -8.21 11.60
C LEU A 184 -15.50 -8.79 11.93
N MET A 185 -15.74 -10.03 11.52
CA MET A 185 -17.03 -10.67 11.75
C MET A 185 -17.30 -10.76 13.24
N GLN A 186 -16.32 -11.23 14.00
CA GLN A 186 -16.50 -11.36 15.43
C GLN A 186 -16.80 -9.99 16.10
N LEU A 187 -16.51 -8.87 15.45
CA LEU A 187 -16.99 -7.55 15.94
C LEU A 187 -18.49 -7.49 15.88
N PHE A 188 -19.08 -8.06 14.84
CA PHE A 188 -20.51 -8.00 14.59
C PHE A 188 -21.24 -9.24 15.13
N SER A 189 -20.75 -9.80 16.24
CA SER A 189 -21.30 -11.05 16.77
C SER A 189 -21.27 -11.07 18.28
N ASP A 190 -22.30 -11.69 18.87
CA ASP A 190 -22.31 -12.02 20.30
C ASP A 190 -21.55 -13.31 20.58
N TYR A 191 -21.08 -14.00 19.53
CA TYR A 191 -20.06 -15.06 19.67
C TYR A 191 -18.77 -14.37 20.02
N LYS A 192 -18.17 -14.82 21.13
CA LYS A 192 -16.95 -14.24 21.65
C LYS A 192 -15.87 -15.30 22.09
N GLU A 193 -16.09 -16.60 21.83
CA GLU A 193 -15.08 -17.65 22.14
C GLU A 193 -13.87 -17.56 21.18
N ASP A 194 -12.72 -18.15 21.56
CA ASP A 194 -11.44 -17.87 20.87
C ASP A 194 -11.10 -18.73 19.64
N LEU A 195 -11.14 -18.10 18.49
CA LEU A 195 -10.86 -18.76 17.21
C LEU A 195 -9.40 -18.53 16.70
N LYS A 196 -8.72 -17.49 17.20
CA LYS A 196 -7.30 -17.21 16.84
C LYS A 196 -6.42 -18.52 16.87
N PRO A 197 -6.45 -19.30 17.95
CA PRO A 197 -5.92 -20.67 17.95
C PRO A 197 -6.28 -21.53 16.74
N LEU A 198 -7.57 -21.65 16.45
CA LEU A 198 -7.99 -22.43 15.27
C LEU A 198 -7.49 -21.83 13.94
N LEU A 199 -7.36 -20.51 13.92
CA LEU A 199 -7.02 -19.81 12.72
C LEU A 199 -5.57 -19.96 12.34
N ASN A 200 -4.67 -20.09 13.29
CA ASN A 200 -3.29 -20.42 12.96
C ASN A 200 -3.26 -21.82 12.29
N THR A 201 -3.80 -22.80 13.02
CA THR A 201 -3.90 -24.17 12.55
C THR A 201 -4.44 -24.23 11.12
N LEU A 202 -5.43 -23.40 10.79
CA LEU A 202 -5.92 -23.33 9.42
C LEU A 202 -5.01 -22.56 8.45
N GLY A 203 -4.44 -21.47 8.94
CA GLY A 203 -3.61 -20.61 8.10
C GLY A 203 -2.40 -21.34 7.55
N LEU A 204 -1.74 -22.10 8.43
CA LEU A 204 -0.59 -22.93 8.06
C LEU A 204 -1.10 -24.02 7.15
N PHE A 205 -2.13 -24.74 7.59
CA PHE A 205 -2.76 -25.79 6.78
C PHE A 205 -2.97 -25.32 5.33
N PHE A 206 -3.65 -24.19 5.15
CA PHE A 206 -3.97 -23.69 3.79
C PHE A 206 -2.73 -23.45 2.93
N GLN A 207 -1.74 -22.82 3.56
CA GLN A 207 -0.50 -22.41 2.93
C GLN A 207 0.34 -23.61 2.49
N ILE A 208 0.69 -24.42 3.50
CA ILE A 208 1.55 -25.56 3.33
C ILE A 208 0.98 -26.47 2.23
N ARG A 209 -0.33 -26.70 2.31
CA ARG A 209 -1.08 -27.38 1.25
C ARG A 209 -0.81 -26.74 -0.13
N ASP A 210 -1.07 -25.44 -0.24
CA ASP A 210 -0.84 -24.73 -1.51
C ASP A 210 0.67 -24.75 -1.96
N ASP A 211 1.58 -24.87 -1.00
CA ASP A 211 3.00 -25.10 -1.30
C ASP A 211 3.21 -26.50 -1.92
N TYR A 212 2.75 -27.54 -1.20
CA TYR A 212 2.78 -28.99 -1.62
C TYR A 212 2.15 -29.21 -3.00
N ALA A 213 0.94 -28.69 -3.16
CA ALA A 213 0.25 -28.71 -4.43
C ALA A 213 1.13 -28.09 -5.50
N ASN A 214 1.49 -26.83 -5.32
CA ASN A 214 2.31 -26.11 -6.29
C ASN A 214 3.54 -26.94 -6.74
N LEU A 215 4.15 -27.72 -5.83
CA LEU A 215 5.29 -28.58 -6.20
C LEU A 215 4.89 -29.84 -6.96
N HIS A 216 4.26 -30.81 -6.30
CA HIS A 216 3.62 -31.97 -6.99
C HIS A 216 3.02 -31.72 -8.45
N SER A 217 2.68 -30.47 -8.84
CA SER A 217 2.20 -30.05 -10.21
C SER A 217 2.77 -30.82 -11.40
N ASN A 223 8.58 -31.05 -16.71
CA ASN A 223 9.76 -30.25 -16.40
C ASN A 223 11.01 -31.15 -16.39
N LYS A 224 12.12 -30.52 -16.04
CA LYS A 224 13.24 -31.17 -15.36
C LYS A 224 13.80 -30.04 -14.52
N SER A 225 12.91 -29.31 -13.85
CA SER A 225 13.22 -27.95 -13.35
C SER A 225 14.16 -27.87 -12.08
N PHE A 226 14.72 -26.67 -11.85
CA PHE A 226 15.47 -26.36 -10.60
C PHE A 226 14.48 -25.86 -9.52
N CYS A 227 14.87 -25.73 -8.23
CA CYS A 227 13.82 -25.48 -7.19
C CYS A 227 13.35 -24.02 -7.18
N GLU A 228 14.30 -23.10 -7.09
CA GLU A 228 14.04 -21.64 -7.23
C GLU A 228 13.36 -21.23 -8.56
N ASP A 229 13.13 -22.20 -9.47
CA ASP A 229 12.18 -22.09 -10.58
C ASP A 229 10.79 -22.50 -10.15
N LEU A 230 10.66 -23.64 -9.47
CA LEU A 230 9.32 -24.24 -9.17
C LEU A 230 8.53 -23.53 -8.07
N THR A 231 9.28 -23.14 -7.05
CA THR A 231 8.80 -22.35 -5.94
C THR A 231 8.38 -20.96 -6.44
N GLU A 232 9.05 -20.53 -7.52
CA GLU A 232 8.86 -19.23 -8.19
C GLU A 232 9.44 -18.11 -7.33
N GLY A 233 10.67 -18.37 -6.87
CA GLY A 233 11.41 -17.48 -5.96
C GLY A 233 10.67 -17.26 -4.67
N LYS A 234 10.07 -18.31 -4.12
CA LYS A 234 9.25 -18.20 -2.92
C LYS A 234 9.66 -19.26 -1.92
N PHE A 235 9.55 -18.89 -0.65
CA PHE A 235 9.86 -19.83 0.42
C PHE A 235 8.68 -20.81 0.46
N SER A 236 8.93 -22.11 0.41
CA SER A 236 7.86 -23.12 0.29
C SER A 236 8.18 -24.25 1.27
N PHE A 237 7.18 -24.74 1.99
CA PHE A 237 7.46 -25.63 3.13
C PHE A 237 8.37 -26.84 2.86
N PRO A 238 8.18 -27.53 1.73
CA PRO A 238 9.03 -28.67 1.44
C PRO A 238 10.49 -28.30 1.17
N THR A 239 10.72 -27.26 0.34
CA THR A 239 12.08 -26.79 0.06
C THR A 239 12.81 -26.42 1.35
N ILE A 240 12.17 -25.69 2.24
CA ILE A 240 12.78 -25.40 3.54
C ILE A 240 13.16 -26.65 4.37
N HIS A 241 12.31 -27.67 4.37
CA HIS A 241 12.62 -28.87 5.19
C HIS A 241 13.80 -29.62 4.59
N ALA A 242 13.84 -29.68 3.27
CA ALA A 242 14.96 -30.30 2.58
C ALA A 242 16.26 -29.63 3.04
N ILE A 243 16.36 -28.34 2.72
CA ILE A 243 17.46 -27.48 3.11
C ILE A 243 17.90 -27.60 4.58
N TRP A 244 17.08 -28.11 5.50
CA TRP A 244 17.49 -28.31 6.90
C TRP A 244 17.61 -29.82 7.27
N SER A 245 18.30 -30.59 6.39
CA SER A 245 18.58 -32.07 6.58
C SER A 245 19.72 -32.81 5.69
N ARG A 246 21.05 -32.76 5.99
CA ARG A 246 22.00 -33.91 5.59
C ARG A 246 23.38 -34.01 6.32
N ILE A 255 23.52 -20.21 13.71
CA ILE A 255 24.81 -19.54 14.01
C ILE A 255 25.48 -19.05 12.71
N LEU A 256 25.64 -19.94 11.72
CA LEU A 256 25.77 -19.53 10.29
C LEU A 256 24.38 -19.83 9.61
N ARG A 257 24.39 -20.06 8.27
CA ARG A 257 23.30 -19.62 7.31
C ARG A 257 22.78 -20.67 6.28
N GLN A 258 21.48 -20.99 6.26
CA GLN A 258 21.08 -22.04 5.32
C GLN A 258 20.48 -21.49 4.00
N LYS A 267 19.26 -29.70 -10.86
CA LYS A 267 18.57 -30.75 -11.63
C LYS A 267 17.28 -31.22 -10.95
N ASP A 268 16.34 -31.71 -11.77
CA ASP A 268 15.27 -32.64 -11.37
C ASP A 268 14.89 -32.49 -9.88
N CYS A 269 14.22 -31.38 -9.53
CA CYS A 269 13.91 -31.17 -8.12
C CYS A 269 13.14 -32.31 -7.55
N VAL A 270 11.97 -32.55 -8.13
CA VAL A 270 10.94 -33.25 -7.42
C VAL A 270 11.57 -34.47 -6.74
N HIS A 271 12.30 -35.28 -7.53
CA HIS A 271 12.93 -36.53 -7.05
C HIS A 271 13.92 -36.29 -5.90
N TYR A 272 14.59 -35.13 -5.87
CA TYR A 272 15.48 -34.78 -4.73
C TYR A 272 14.70 -34.56 -3.46
N LEU A 273 13.66 -33.76 -3.58
CA LEU A 273 12.78 -33.53 -2.47
C LEU A 273 12.20 -34.86 -1.98
N GLU A 274 11.73 -35.74 -2.88
CA GLU A 274 11.32 -37.13 -2.53
C GLU A 274 12.54 -37.94 -2.01
N ASP A 275 13.76 -37.75 -2.55
CA ASP A 275 15.04 -38.41 -2.05
C ASP A 275 15.40 -37.96 -0.64
N VAL A 276 15.10 -36.71 -0.34
CA VAL A 276 15.09 -36.24 1.04
C VAL A 276 13.78 -36.67 1.70
N GLY A 277 12.72 -36.80 0.88
CA GLY A 277 11.38 -37.14 1.34
C GLY A 277 10.82 -36.03 2.19
N SER A 278 10.92 -34.80 1.71
CA SER A 278 10.23 -33.66 2.31
C SER A 278 8.76 -33.83 2.03
N PHE A 279 8.42 -34.31 0.82
CA PHE A 279 7.05 -34.67 0.45
C PHE A 279 6.42 -35.60 1.50
N GLU A 280 7.15 -36.65 1.87
CA GLU A 280 6.77 -37.56 2.98
C GLU A 280 6.46 -36.82 4.31
N TYR A 281 7.34 -35.91 4.67
CA TYR A 281 7.23 -35.08 5.87
C TYR A 281 6.15 -34.03 5.79
N THR A 282 5.95 -33.46 4.61
CA THR A 282 4.94 -32.42 4.39
C THR A 282 3.58 -33.05 4.51
N ARG A 283 3.39 -34.21 3.85
CA ARG A 283 2.18 -35.05 4.02
C ARG A 283 1.91 -35.19 5.51
N ASN A 284 2.83 -35.85 6.22
CA ASN A 284 2.75 -35.98 7.67
C ASN A 284 2.38 -34.68 8.40
N THR A 285 3.20 -33.65 8.24
CA THR A 285 2.96 -32.34 8.88
C THR A 285 1.55 -31.71 8.58
N LEU A 286 1.01 -31.97 7.39
CA LEU A 286 -0.30 -31.42 6.98
C LEU A 286 -1.50 -32.09 7.63
N LYS A 287 -1.54 -33.41 7.49
CA LYS A 287 -2.46 -34.23 8.21
C LYS A 287 -2.41 -33.86 9.71
N GLU A 288 -1.22 -33.77 10.29
CA GLU A 288 -1.08 -33.49 11.75
C GLU A 288 -1.80 -32.21 12.23
N LEU A 289 -1.91 -31.21 11.34
CA LEU A 289 -2.60 -29.94 11.64
C LEU A 289 -4.10 -30.16 11.58
N GLU A 290 -4.56 -30.64 10.42
CA GLU A 290 -5.95 -31.07 10.15
C GLU A 290 -6.56 -31.78 11.37
N ALA A 291 -5.79 -32.68 11.97
CA ALA A 291 -6.07 -33.28 13.29
C ALA A 291 -6.34 -32.26 14.40
N LYS A 292 -5.42 -31.34 14.59
CA LYS A 292 -5.61 -30.22 15.53
C LYS A 292 -6.71 -29.23 15.04
N ALA A 293 -7.05 -29.24 13.74
CA ALA A 293 -8.20 -28.47 13.21
C ALA A 293 -9.46 -28.98 13.87
N TYR A 294 -9.70 -30.27 13.69
CA TYR A 294 -10.80 -31.00 14.28
C TYR A 294 -10.84 -30.92 15.83
N LYS A 295 -9.72 -31.15 16.52
CA LYS A 295 -9.69 -31.07 18.00
C LYS A 295 -9.94 -29.64 18.58
N GLN A 296 -9.72 -28.56 17.80
CA GLN A 296 -10.05 -27.17 18.22
C GLN A 296 -11.39 -26.70 17.65
N ILE A 297 -11.78 -27.24 16.47
CA ILE A 297 -13.14 -27.06 15.91
C ILE A 297 -14.18 -27.57 16.93
N ASP A 298 -13.89 -28.72 17.55
CA ASP A 298 -14.85 -29.32 18.45
C ASP A 298 -14.96 -28.49 19.73
N ALA A 299 -13.88 -28.24 20.45
CA ALA A 299 -13.91 -27.38 21.68
C ALA A 299 -14.56 -25.98 21.52
N ARG A 300 -14.85 -25.56 20.27
CA ARG A 300 -15.74 -24.43 19.94
C ARG A 300 -17.17 -24.92 19.55
N GLY A 301 -17.68 -25.93 20.23
CA GLY A 301 -19.00 -26.51 19.92
C GLY A 301 -19.25 -27.13 18.53
N GLY A 302 -18.20 -27.45 17.77
CA GLY A 302 -18.32 -28.14 16.46
C GLY A 302 -18.92 -27.30 15.33
N ASN A 303 -18.68 -27.74 14.09
CA ASN A 303 -19.13 -27.02 12.88
C ASN A 303 -19.09 -27.86 11.57
N PRO A 304 -20.21 -28.48 11.23
CA PRO A 304 -20.42 -29.22 9.99
C PRO A 304 -19.94 -28.60 8.68
N GLU A 305 -20.31 -27.35 8.41
CA GLU A 305 -19.97 -26.71 7.11
C GLU A 305 -18.48 -26.75 6.82
N LEU A 306 -17.72 -26.36 7.86
CA LEU A 306 -16.26 -26.20 7.81
C LEU A 306 -15.56 -27.51 7.62
N VAL A 307 -15.90 -28.49 8.45
CA VAL A 307 -15.26 -29.82 8.47
C VAL A 307 -15.44 -30.56 7.10
N ALA A 308 -16.56 -30.25 6.43
CA ALA A 308 -16.80 -30.65 5.04
C ALA A 308 -15.76 -30.10 4.05
N LEU A 309 -15.50 -28.79 4.22
CA LEU A 309 -14.50 -28.06 3.41
C LEU A 309 -13.03 -28.46 3.72
N VAL A 310 -12.75 -28.87 4.95
CA VAL A 310 -11.44 -29.42 5.33
C VAL A 310 -11.20 -30.80 4.69
N LYS A 311 -12.05 -31.77 5.09
CA LYS A 311 -11.98 -33.13 4.56
C LYS A 311 -12.02 -33.13 3.01
N HIS A 312 -12.78 -32.22 2.36
CA HIS A 312 -12.66 -32.06 0.90
C HIS A 312 -11.25 -31.72 0.52
N LEU A 313 -10.71 -30.67 1.15
CA LEU A 313 -9.42 -30.11 0.72
C LEU A 313 -8.24 -31.04 0.97
N SER A 314 -8.34 -31.85 2.02
CA SER A 314 -7.31 -32.90 2.28
C SER A 314 -7.06 -33.97 1.15
N LYS A 315 -7.74 -33.83 0.00
CA LYS A 315 -7.38 -34.44 -1.33
C LYS A 315 -5.86 -34.53 -1.71
N MET A 316 -5.09 -33.44 -1.50
CA MET A 316 -3.58 -33.46 -1.44
C MET A 316 -3.18 -33.53 0.04
N PHE B 20 9.79 -17.69 19.39
CA PHE B 20 9.69 -17.63 20.89
C PHE B 20 10.37 -16.31 21.26
N GLN B 21 11.44 -16.41 22.07
CA GLN B 21 12.45 -15.34 22.22
C GLN B 21 13.02 -14.74 20.85
N SER B 22 13.89 -15.50 20.17
CA SER B 22 14.62 -15.07 18.96
C SER B 22 13.74 -14.45 17.84
N MET B 23 12.47 -14.89 17.77
CA MET B 23 11.52 -14.37 16.79
C MET B 23 11.06 -12.94 17.16
N GLU B 24 10.90 -12.69 18.47
CA GLU B 24 10.48 -11.33 18.89
C GLU B 24 11.64 -10.30 18.68
N LYS B 25 12.92 -10.73 18.79
CA LYS B 25 14.08 -9.88 18.42
C LYS B 25 14.04 -9.75 16.91
N THR B 26 14.19 -10.87 16.20
CA THR B 26 14.24 -10.81 14.74
C THR B 26 13.07 -9.97 14.12
N GLN B 27 11.93 -9.92 14.81
CA GLN B 27 10.77 -9.12 14.37
C GLN B 27 10.88 -7.59 14.62
N GLU B 28 11.33 -7.22 15.82
CA GLU B 28 11.47 -5.81 16.22
C GLU B 28 12.49 -5.11 15.36
N THR B 29 13.49 -5.91 14.94
CA THR B 29 14.57 -5.51 14.05
C THR B 29 14.05 -5.08 12.70
N VAL B 30 13.27 -5.96 12.10
CA VAL B 30 12.60 -5.71 10.82
C VAL B 30 11.83 -4.37 10.72
N GLN B 31 11.25 -3.93 11.82
CA GLN B 31 10.54 -2.66 11.90
C GLN B 31 11.53 -1.52 11.86
N ARG B 32 12.66 -1.64 12.55
CA ARG B 32 13.71 -0.61 12.47
C ARG B 32 14.12 -0.48 10.97
N ILE B 33 14.45 -1.63 10.39
CA ILE B 33 14.92 -1.77 9.00
C ILE B 33 13.93 -1.15 8.04
N LEU B 34 12.68 -1.52 8.21
CA LEU B 34 11.58 -1.02 7.39
C LEU B 34 11.50 0.48 7.20
N LEU B 35 12.02 1.26 8.12
CA LEU B 35 11.92 2.70 8.00
C LEU B 35 13.12 3.37 7.32
N GLU B 36 14.15 2.58 6.99
CA GLU B 36 15.40 3.15 6.55
C GLU B 36 15.32 3.88 5.20
N PRO B 37 14.65 3.32 4.21
CA PRO B 37 14.42 4.11 3.02
C PRO B 37 13.63 5.40 3.23
N TYR B 38 12.64 5.36 4.11
CA TYR B 38 11.87 6.57 4.50
C TYR B 38 12.80 7.59 5.14
N LYS B 39 13.67 7.12 6.01
CA LYS B 39 14.61 8.01 6.62
C LYS B 39 15.59 8.55 5.59
N TYR B 40 16.10 7.69 4.71
CA TYR B 40 17.00 8.16 3.64
C TYR B 40 16.46 9.38 2.94
N LEU B 41 15.15 9.43 2.73
CA LEU B 41 14.54 10.60 2.10
C LEU B 41 14.39 11.79 3.01
N LEU B 42 14.13 11.58 4.30
CA LEU B 42 14.08 12.71 5.20
C LEU B 42 15.34 13.51 5.25
N GLN B 43 16.47 12.83 5.27
CA GLN B 43 17.76 13.49 5.47
C GLN B 43 18.22 14.37 4.26
N LEU B 44 17.62 14.17 3.08
CA LEU B 44 18.00 14.91 1.91
C LEU B 44 17.73 16.42 2.13
N PRO B 45 18.59 17.31 1.53
CA PRO B 45 18.45 18.79 1.61
C PRO B 45 17.11 19.47 1.28
N GLY B 46 16.83 20.59 1.98
CA GLY B 46 15.57 21.37 1.89
C GLY B 46 14.34 20.56 2.29
N LYS B 47 13.14 21.14 2.13
CA LYS B 47 11.86 20.56 2.65
C LYS B 47 11.83 20.54 4.22
N GLN B 48 12.63 21.44 4.82
CA GLN B 48 12.33 21.97 6.14
C GLN B 48 11.32 23.17 5.99
N VAL B 49 11.00 23.64 4.75
CA VAL B 49 10.08 24.79 4.49
C VAL B 49 8.56 24.49 4.46
N ARG B 50 8.20 23.21 4.36
CA ARG B 50 6.81 22.71 4.52
C ARG B 50 6.19 23.17 5.86
N THR B 51 6.83 22.78 6.95
CA THR B 51 6.59 23.37 8.30
C THR B 51 6.30 24.89 8.36
N LYS B 52 7.09 25.71 7.67
CA LYS B 52 6.78 27.15 7.57
C LYS B 52 5.32 27.36 7.11
N LEU B 53 4.90 26.58 6.11
CA LEU B 53 3.57 26.77 5.50
C LEU B 53 2.39 26.44 6.42
N SER B 54 2.36 25.23 6.97
CA SER B 54 1.21 24.81 7.83
C SER B 54 1.06 25.70 9.08
N GLN B 55 2.20 26.09 9.67
CA GLN B 55 2.21 27.15 10.70
C GLN B 55 1.46 28.42 10.24
N ALA B 56 1.65 28.82 8.97
CA ALA B 56 0.96 30.00 8.43
C ALA B 56 -0.53 29.79 8.37
N PHE B 57 -0.93 28.57 8.04
CA PHE B 57 -2.33 28.27 7.91
C PHE B 57 -3.02 28.30 9.26
N ASN B 58 -2.25 28.05 10.31
CA ASN B 58 -2.80 28.08 11.64
C ASN B 58 -3.23 29.47 12.13
N HIS B 59 -2.72 30.53 11.52
CA HIS B 59 -3.23 31.89 11.76
C HIS B 59 -4.72 32.05 11.42
N TRP B 60 -5.33 31.10 10.72
CA TRP B 60 -6.81 30.99 10.62
C TRP B 60 -7.40 29.86 11.46
N LEU B 61 -6.75 28.71 11.43
CA LEU B 61 -7.35 27.55 12.02
C LEU B 61 -7.22 27.50 13.56
N LYS B 62 -6.30 28.28 14.11
CA LYS B 62 -5.97 28.29 15.54
C LYS B 62 -6.00 26.87 16.24
N VAL B 63 -5.50 25.84 15.53
CA VAL B 63 -5.52 24.40 15.96
C VAL B 63 -4.70 24.07 17.21
N PRO B 64 -5.13 23.05 18.02
CA PRO B 64 -4.37 22.71 19.22
C PRO B 64 -2.99 22.18 18.94
N GLU B 65 -1.99 22.65 19.70
CA GLU B 65 -0.62 22.32 19.41
C GLU B 65 -0.41 20.82 19.26
N ASP B 66 -1.08 20.03 20.08
CA ASP B 66 -0.92 18.57 20.01
C ASP B 66 -1.61 17.90 18.84
N LYS B 67 -2.69 18.47 18.35
CA LYS B 67 -3.30 17.94 17.13
C LYS B 67 -2.49 18.38 15.94
N LEU B 68 -1.86 19.53 16.02
CA LEU B 68 -1.03 20.02 14.93
C LEU B 68 0.14 19.13 14.71
N GLN B 69 0.86 18.79 15.78
CA GLN B 69 2.06 17.95 15.65
C GLN B 69 1.77 16.62 15.04
N ILE B 70 0.59 16.08 15.27
CA ILE B 70 0.22 14.84 14.64
C ILE B 70 -0.14 15.06 13.18
N ILE B 71 -0.81 16.16 12.86
CA ILE B 71 -1.20 16.43 11.48
C ILE B 71 0.04 16.65 10.64
N ILE B 72 1.02 17.33 11.23
CA ILE B 72 2.33 17.48 10.62
C ILE B 72 3.05 16.14 10.44
N GLU B 73 3.30 15.42 11.53
CA GLU B 73 3.86 14.06 11.42
C GLU B 73 3.19 13.23 10.30
N VAL B 74 1.88 13.27 10.20
CA VAL B 74 1.18 12.49 9.20
C VAL B 74 1.50 13.01 7.84
N THR B 75 1.24 14.28 7.60
CA THR B 75 1.49 14.87 6.30
C THR B 75 2.88 14.53 5.80
N GLU B 76 3.86 14.76 6.67
CA GLU B 76 5.25 14.54 6.34
C GLU B 76 5.54 13.06 6.09
N MET B 77 4.93 12.14 6.82
CA MET B 77 5.03 10.68 6.49
C MET B 77 4.47 10.36 5.13
N LEU B 78 3.27 10.85 4.86
CA LEU B 78 2.61 10.51 3.63
C LEU B 78 3.39 11.09 2.51
N HIS B 79 3.95 12.29 2.67
CA HIS B 79 4.71 12.93 1.59
C HIS B 79 5.87 12.10 1.08
N ASN B 80 6.74 11.73 2.00
CA ASN B 80 7.94 11.02 1.70
C ASN B 80 7.61 9.64 1.24
N ALA B 81 6.78 8.91 1.97
CA ALA B 81 6.36 7.62 1.40
C ALA B 81 5.86 7.84 -0.01
N SER B 82 5.13 8.89 -0.26
CA SER B 82 4.69 9.10 -1.62
C SER B 82 5.74 9.45 -2.61
N LEU B 83 6.86 10.01 -2.18
CA LEU B 83 8.01 10.25 -3.08
C LEU B 83 8.75 8.96 -3.39
N LEU B 84 9.02 8.12 -2.40
CA LEU B 84 9.63 6.82 -2.67
C LEU B 84 8.96 6.05 -3.82
N ILE B 85 7.63 6.05 -3.83
CA ILE B 85 6.84 5.42 -4.87
C ILE B 85 6.96 6.24 -6.16
N ASP B 86 6.81 7.54 -6.07
CA ASP B 86 6.84 8.42 -7.24
C ASP B 86 8.15 8.23 -7.99
N ASP B 87 9.26 8.04 -7.29
CA ASP B 87 10.56 7.88 -7.95
C ASP B 87 10.57 6.56 -8.70
N ILE B 88 10.14 5.48 -8.06
CA ILE B 88 10.03 4.18 -8.74
C ILE B 88 9.13 4.35 -9.94
N GLU B 89 7.99 4.94 -9.71
CA GLU B 89 7.00 5.03 -10.75
C GLU B 89 7.45 5.91 -11.88
N ASP B 90 8.17 6.99 -11.62
CA ASP B 90 8.68 7.88 -12.68
C ASP B 90 10.00 7.42 -13.34
N ASN B 91 10.50 6.27 -12.90
CA ASN B 91 11.89 5.91 -13.04
C ASN B 91 12.78 7.08 -12.97
N SER B 92 12.74 7.74 -11.83
CA SER B 92 13.72 8.74 -11.52
C SER B 92 14.98 7.99 -11.19
N LYS B 93 16.08 8.71 -11.44
CA LYS B 93 17.43 8.24 -11.18
C LYS B 93 18.06 8.97 -9.99
N LEU B 94 17.81 10.29 -9.93
CA LEU B 94 18.14 11.21 -8.81
C LEU B 94 16.95 12.00 -8.19
N ARG B 95 17.12 12.43 -6.96
CA ARG B 95 16.13 13.29 -6.31
C ARG B 95 16.86 14.31 -5.48
N ARG B 96 16.62 15.59 -5.79
CA ARG B 96 17.33 16.74 -5.23
C ARG B 96 18.87 16.50 -5.33
N GLY B 97 19.30 15.91 -6.44
CA GLY B 97 20.72 15.66 -6.69
C GLY B 97 21.32 14.35 -6.19
N PHE B 98 20.74 13.69 -5.20
CA PHE B 98 21.31 12.42 -4.70
C PHE B 98 20.64 11.24 -5.30
N PRO B 99 21.23 10.07 -5.18
CA PRO B 99 20.49 8.99 -5.80
C PRO B 99 19.19 8.76 -5.08
N VAL B 100 18.22 8.31 -5.86
CA VAL B 100 16.91 8.01 -5.34
C VAL B 100 16.99 6.79 -4.50
N ALA B 101 16.00 6.69 -3.61
CA ALA B 101 15.97 5.65 -2.59
C ALA B 101 16.04 4.25 -3.12
N HIS B 102 15.42 3.95 -4.27
CA HIS B 102 15.40 2.55 -4.72
C HIS B 102 16.66 2.06 -5.31
N SER B 103 17.37 2.93 -5.99
CA SER B 103 18.70 2.62 -6.50
C SER B 103 19.70 2.34 -5.37
N ILE B 104 19.37 2.66 -4.14
CA ILE B 104 20.20 2.24 -3.04
C ILE B 104 19.67 1.01 -2.39
N TYR B 105 18.48 1.08 -1.86
CA TYR B 105 17.92 -0.01 -1.07
C TYR B 105 17.28 -1.07 -1.96
N GLY B 106 16.82 -0.66 -3.13
CA GLY B 106 16.20 -1.59 -4.05
C GLY B 106 14.72 -1.62 -3.94
N ILE B 107 14.09 -1.85 -5.07
CA ILE B 107 12.66 -1.66 -5.24
C ILE B 107 11.81 -2.32 -4.19
N PRO B 108 12.02 -3.62 -3.89
CA PRO B 108 11.15 -4.26 -2.92
C PRO B 108 11.32 -3.67 -1.55
N SER B 109 12.54 -3.64 -1.03
CA SER B 109 12.82 -2.88 0.19
C SER B 109 12.12 -1.48 0.30
N VAL B 110 11.98 -0.74 -0.79
CA VAL B 110 11.35 0.59 -0.84
C VAL B 110 9.84 0.49 -0.80
N ILE B 111 9.24 -0.18 -1.79
CA ILE B 111 7.80 -0.50 -1.76
C ILE B 111 7.36 -0.81 -0.32
N ASN B 112 7.99 -1.81 0.32
CA ASN B 112 7.72 -2.09 1.73
C ASN B 112 7.70 -0.89 2.65
N SER B 113 8.76 -0.08 2.58
CA SER B 113 8.91 1.02 3.47
C SER B 113 7.85 2.05 3.26
N ALA B 114 7.66 2.48 2.03
CA ALA B 114 6.60 3.44 1.78
C ALA B 114 5.25 2.90 2.29
N ASN B 115 4.83 1.71 1.83
CA ASN B 115 3.54 1.13 2.24
C ASN B 115 3.41 1.06 3.74
N TYR B 116 4.41 0.53 4.43
CA TYR B 116 4.37 0.55 5.91
C TYR B 116 4.24 1.92 6.49
N VAL B 117 5.02 2.85 6.01
CA VAL B 117 4.87 4.21 6.49
C VAL B 117 3.48 4.75 6.22
N TYR B 118 2.86 4.46 5.07
CA TYR B 118 1.52 5.01 4.81
C TYR B 118 0.68 4.47 5.94
N PHE B 119 0.67 3.16 6.17
CA PHE B 119 -0.16 2.63 7.25
C PHE B 119 0.22 3.03 8.64
N LEU B 120 1.45 3.36 8.93
CA LEU B 120 1.78 3.95 10.24
C LEU B 120 1.18 5.34 10.39
N GLY B 121 0.92 5.98 9.27
CA GLY B 121 0.29 7.26 9.26
C GLY B 121 -1.19 7.16 9.43
N LEU B 122 -1.77 6.04 8.98
CA LEU B 122 -3.18 5.76 9.25
C LEU B 122 -3.27 5.63 10.72
N GLU B 123 -2.50 4.73 11.27
CA GLU B 123 -2.46 4.50 12.70
C GLU B 123 -2.38 5.80 13.50
N LYS B 124 -1.61 6.74 12.98
CA LYS B 124 -1.46 8.03 13.59
C LYS B 124 -2.71 8.89 13.47
N VAL B 125 -3.32 8.94 12.29
CA VAL B 125 -4.58 9.64 12.13
C VAL B 125 -5.66 9.10 13.07
N LEU B 126 -5.67 7.78 13.30
CA LEU B 126 -6.61 7.17 14.22
C LEU B 126 -6.52 7.76 15.58
N THR B 127 -5.34 8.22 15.97
CA THR B 127 -5.16 8.83 17.29
C THR B 127 -5.82 10.21 17.43
N LEU B 128 -6.06 10.90 16.32
CA LEU B 128 -6.85 12.11 16.38
C LEU B 128 -8.25 11.84 16.96
N ASP B 129 -8.72 10.60 16.85
CA ASP B 129 -9.95 10.11 17.44
C ASP B 129 -11.17 10.80 16.84
N HIS B 130 -11.07 11.00 15.54
CA HIS B 130 -12.03 11.75 14.80
C HIS B 130 -12.45 10.97 13.58
N PRO B 131 -13.71 10.56 13.49
CA PRO B 131 -14.10 9.59 12.44
C PRO B 131 -13.96 10.12 11.00
N ASP B 132 -14.23 11.40 10.83
CA ASP B 132 -14.01 12.08 9.55
C ASP B 132 -12.58 12.24 9.12
N ALA B 133 -11.64 12.27 10.05
CA ALA B 133 -10.21 12.29 9.68
C ALA B 133 -9.79 11.02 8.93
N VAL B 134 -10.27 9.85 9.30
CA VAL B 134 -9.94 8.68 8.52
C VAL B 134 -10.65 8.83 7.20
N LYS B 135 -11.91 9.25 7.24
CA LYS B 135 -12.67 9.43 6.01
C LYS B 135 -11.78 10.27 5.06
N LEU B 136 -11.21 11.37 5.55
CA LEU B 136 -10.51 12.34 4.72
C LEU B 136 -9.21 11.87 4.15
N PHE B 137 -8.42 11.23 5.00
CA PHE B 137 -7.13 10.59 4.66
C PHE B 137 -7.36 9.66 3.53
N THR B 138 -8.36 8.81 3.70
CA THR B 138 -8.71 7.85 2.68
C THR B 138 -9.06 8.52 1.36
N ARG B 139 -9.80 9.60 1.39
CA ARG B 139 -10.16 10.28 0.15
C ARG B 139 -8.91 10.83 -0.49
N GLN B 140 -8.10 11.56 0.29
CA GLN B 140 -6.94 12.25 -0.30
C GLN B 140 -5.94 11.30 -0.84
N LEU B 141 -5.72 10.18 -0.16
CA LEU B 141 -4.83 9.12 -0.70
C LEU B 141 -5.38 8.52 -1.96
N LEU B 142 -6.65 8.17 -1.95
CA LEU B 142 -7.28 7.65 -3.14
C LEU B 142 -7.05 8.61 -4.30
N GLU B 143 -7.06 9.91 -4.02
CA GLU B 143 -6.93 10.94 -5.05
C GLU B 143 -5.50 10.87 -5.61
N LEU B 144 -4.56 11.07 -4.72
CA LEU B 144 -3.15 10.91 -4.99
C LEU B 144 -2.83 9.72 -5.88
N HIS B 145 -3.43 8.58 -5.61
CA HIS B 145 -3.16 7.40 -6.44
C HIS B 145 -3.67 7.51 -7.85
N GLN B 146 -4.72 8.29 -8.05
CA GLN B 146 -5.22 8.53 -9.38
C GLN B 146 -4.34 9.51 -10.12
N GLY B 147 -3.69 10.36 -9.36
CA GLY B 147 -2.79 11.30 -9.96
C GLY B 147 -1.62 10.53 -10.50
N GLN B 148 -0.97 9.80 -9.58
CA GLN B 148 0.13 8.90 -9.87
C GLN B 148 -0.37 8.01 -11.01
N GLY B 149 -1.64 7.58 -10.97
CA GLY B 149 -2.24 6.84 -12.07
C GLY B 149 -1.98 7.40 -13.44
N LEU B 150 -2.57 8.57 -13.67
CA LEU B 150 -2.39 9.32 -14.89
C LEU B 150 -0.95 9.55 -15.29
N ASP B 151 -0.11 9.83 -14.31
CA ASP B 151 1.26 10.21 -14.58
C ASP B 151 1.89 9.02 -15.27
N ILE B 152 1.69 7.83 -14.72
CA ILE B 152 2.23 6.63 -15.31
C ILE B 152 1.56 6.38 -16.65
N TYR B 153 0.23 6.48 -16.71
CA TYR B 153 -0.48 6.29 -18.00
C TYR B 153 0.18 7.04 -19.14
N TRP B 154 0.54 8.28 -18.88
CA TRP B 154 1.09 9.11 -19.93
C TRP B 154 2.48 8.63 -20.23
N ARG B 155 3.29 8.57 -19.19
CA ARG B 155 4.61 7.99 -19.32
C ARG B 155 4.56 6.66 -20.15
N ASP B 156 3.74 5.68 -19.74
CA ASP B 156 3.75 4.33 -20.36
C ASP B 156 3.41 4.41 -21.81
N ASN B 157 2.57 5.38 -22.19
CA ASN B 157 2.11 5.57 -23.58
C ASN B 157 2.94 6.55 -24.38
N TYR B 158 4.12 6.93 -23.91
CA TYR B 158 5.03 7.85 -24.64
C TYR B 158 4.23 9.05 -25.11
N THR B 159 3.71 9.80 -24.14
CA THR B 159 2.80 10.93 -24.39
C THR B 159 3.06 12.05 -23.39
N CYS B 160 3.10 13.29 -23.89
CA CYS B 160 3.13 14.47 -23.03
C CYS B 160 1.67 14.88 -22.77
N PRO B 161 1.29 15.17 -21.48
CA PRO B 161 -0.08 15.65 -21.26
C PRO B 161 -0.22 17.11 -21.68
N THR B 162 -1.46 17.57 -21.89
CA THR B 162 -1.72 18.97 -22.20
C THR B 162 -1.52 19.84 -20.97
N GLU B 163 -1.54 21.16 -21.15
CA GLU B 163 -1.44 22.04 -19.99
C GLU B 163 -2.63 21.80 -19.07
N GLU B 164 -3.84 21.79 -19.65
CA GLU B 164 -5.02 21.56 -18.80
C GLU B 164 -4.91 20.26 -18.04
N GLU B 165 -4.47 19.18 -18.68
CA GLU B 165 -4.31 17.89 -17.97
C GLU B 165 -3.21 17.90 -16.92
N TYR B 166 -2.10 18.57 -17.22
CA TYR B 166 -1.00 18.68 -16.26
C TYR B 166 -1.45 19.23 -14.93
N LYS B 167 -2.17 20.36 -15.02
CA LYS B 167 -2.76 21.01 -13.85
C LYS B 167 -3.69 20.05 -13.08
N ALA B 168 -4.55 19.34 -13.80
CA ALA B 168 -5.39 18.33 -13.16
C ALA B 168 -4.59 17.38 -12.30
N MET B 169 -3.56 16.77 -12.88
CA MET B 169 -2.72 15.83 -12.15
C MET B 169 -2.10 16.46 -10.91
N VAL B 170 -1.71 17.72 -10.99
CA VAL B 170 -1.05 18.37 -9.85
C VAL B 170 -2.05 18.59 -8.71
N LEU B 171 -3.22 19.09 -9.03
CA LEU B 171 -4.20 19.29 -7.97
C LEU B 171 -4.60 17.94 -7.33
N GLN B 172 -4.57 16.85 -8.09
CA GLN B 172 -4.90 15.53 -7.54
C GLN B 172 -3.78 15.01 -6.66
N LYS B 173 -2.55 15.24 -7.08
CA LYS B 173 -1.37 14.71 -6.41
C LYS B 173 -0.95 15.70 -5.29
N THR B 174 -0.71 16.97 -5.64
CA THR B 174 -0.28 18.07 -4.71
C THR B 174 -1.41 18.69 -3.84
N GLY B 175 -2.42 19.33 -4.42
CA GLY B 175 -3.66 19.67 -3.67
C GLY B 175 -4.27 18.46 -2.95
N GLY B 176 -4.02 17.25 -3.46
CA GLY B 176 -4.28 16.01 -2.73
C GLY B 176 -3.68 15.85 -1.34
N LEU B 177 -2.56 16.54 -1.07
CA LEU B 177 -1.81 16.41 0.18
C LEU B 177 -1.48 17.73 0.85
N PHE B 178 -1.74 18.85 0.21
CA PHE B 178 -2.00 20.13 0.94
C PHE B 178 -3.34 19.93 1.64
N GLY B 179 -4.31 19.56 0.81
CA GLY B 179 -5.70 19.50 1.21
C GLY B 179 -5.94 18.53 2.32
N LEU B 180 -5.13 17.49 2.41
CA LEU B 180 -5.20 16.60 3.56
C LEU B 180 -4.95 17.38 4.82
N ALA B 181 -3.79 18.04 4.89
CA ALA B 181 -3.37 18.78 6.09
C ALA B 181 -4.31 19.91 6.44
N VAL B 182 -4.47 20.85 5.52
CA VAL B 182 -5.36 21.95 5.82
C VAL B 182 -6.76 21.43 6.15
N GLY B 183 -7.16 20.32 5.57
CA GLY B 183 -8.46 19.79 5.86
C GLY B 183 -8.55 19.05 7.17
N LEU B 184 -7.49 18.36 7.54
CA LEU B 184 -7.45 17.76 8.85
C LEU B 184 -7.52 18.87 9.90
N MET B 185 -6.70 19.92 9.75
CA MET B 185 -6.66 21.01 10.72
C MET B 185 -8.00 21.65 10.80
N GLN B 186 -8.61 21.98 9.68
CA GLN B 186 -9.92 22.61 9.66
C GLN B 186 -10.99 21.73 10.37
N LEU B 187 -10.76 20.43 10.51
CA LEU B 187 -11.65 19.60 11.37
C LEU B 187 -11.55 20.01 12.82
N PHE B 188 -10.33 20.34 13.23
CA PHE B 188 -9.96 20.68 14.59
C PHE B 188 -9.92 22.22 14.72
N SER B 189 -10.92 22.91 14.15
CA SER B 189 -11.03 24.36 14.20
C SER B 189 -12.48 24.81 14.08
N ASP B 190 -12.84 25.91 14.76
CA ASP B 190 -14.12 26.58 14.53
C ASP B 190 -14.04 27.56 13.36
N TYR B 191 -12.86 27.72 12.77
CA TYR B 191 -12.72 28.31 11.42
C TYR B 191 -13.31 27.32 10.44
N LYS B 192 -14.25 27.78 9.62
CA LYS B 192 -14.90 26.91 8.63
C LYS B 192 -15.05 27.55 7.20
N GLU B 193 -14.47 28.74 6.96
CA GLU B 193 -14.53 29.36 5.61
C GLU B 193 -13.68 28.61 4.57
N ASP B 194 -13.96 28.78 3.27
CA ASP B 194 -13.44 27.85 2.23
C ASP B 194 -12.05 28.14 1.66
N LEU B 195 -11.13 27.25 2.01
CA LEU B 195 -9.74 27.37 1.58
C LEU B 195 -9.40 26.50 0.34
N LYS B 196 -10.21 25.47 0.02
CA LYS B 196 -10.00 24.62 -1.18
C LYS B 196 -9.65 25.47 -2.45
N PRO B 197 -10.46 26.50 -2.76
CA PRO B 197 -10.06 27.53 -3.72
C PRO B 197 -8.64 28.05 -3.60
N LEU B 198 -8.27 28.54 -2.42
CA LEU B 198 -6.91 29.06 -2.20
C LEU B 198 -5.83 27.97 -2.36
N LEU B 199 -6.21 26.75 -2.03
CA LEU B 199 -5.28 25.65 -2.02
C LEU B 199 -4.89 25.16 -3.38
N ASN B 200 -5.81 25.23 -4.35
CA ASN B 200 -5.42 24.95 -5.74
C ASN B 200 -4.43 26.02 -6.20
N THR B 201 -4.84 27.28 -6.08
CA THR B 201 -4.00 28.42 -6.41
C THR B 201 -2.58 28.27 -5.84
N LEU B 202 -2.47 27.79 -4.62
CA LEU B 202 -1.14 27.51 -4.04
C LEU B 202 -0.49 26.25 -4.58
N GLY B 203 -1.28 25.19 -4.78
CA GLY B 203 -0.79 23.91 -5.26
C GLY B 203 -0.08 24.03 -6.58
N LEU B 204 -0.74 24.72 -7.52
CA LEU B 204 -0.18 24.99 -8.86
C LEU B 204 1.01 25.89 -8.68
N PHE B 205 0.81 27.00 -7.99
CA PHE B 205 1.89 27.95 -7.71
C PHE B 205 3.15 27.23 -7.27
N PHE B 206 3.04 26.42 -6.24
CA PHE B 206 4.24 25.75 -5.67
C PHE B 206 4.95 24.84 -6.65
N GLN B 207 4.13 24.08 -7.38
CA GLN B 207 4.59 23.09 -8.33
C GLN B 207 5.32 23.73 -9.49
N ILE B 208 4.59 24.57 -10.20
CA ILE B 208 5.06 25.21 -11.41
C ILE B 208 6.35 25.95 -11.11
N ARG B 209 6.37 26.69 -10.00
CA ARG B 209 7.58 27.30 -9.47
C ARG B 209 8.73 26.29 -9.33
N ASP B 210 8.50 25.21 -8.60
CA ASP B 210 9.53 24.16 -8.42
C ASP B 210 9.93 23.48 -9.77
N ASP B 211 9.02 23.47 -10.75
CA ASP B 211 9.35 23.05 -12.11
C ASP B 211 10.33 24.05 -12.77
N TYR B 212 9.93 25.34 -12.83
CA TYR B 212 10.72 26.50 -13.35
C TYR B 212 12.12 26.59 -12.73
N ALA B 213 12.14 26.58 -11.40
CA ALA B 213 13.38 26.53 -10.64
C ALA B 213 14.23 25.38 -11.09
N ASN B 214 13.71 24.16 -10.96
CA ASN B 214 14.42 22.93 -11.35
C ASN B 214 15.09 23.07 -12.73
N LEU B 215 14.44 23.76 -13.68
CA LEU B 215 15.03 23.94 -15.03
C LEU B 215 16.11 25.05 -15.05
N HIS B 216 15.70 26.32 -14.93
CA HIS B 216 16.66 27.46 -14.75
C HIS B 216 17.89 27.17 -13.86
N THR B 231 14.59 17.39 -15.50
CA THR B 231 13.29 16.76 -15.22
C THR B 231 13.32 15.47 -14.38
N GLU B 232 14.18 14.51 -14.72
CA GLU B 232 14.31 13.19 -14.05
C GLU B 232 13.08 12.30 -14.28
N GLY B 233 12.69 12.23 -15.55
CA GLY B 233 11.49 11.49 -15.99
C GLY B 233 10.23 12.06 -15.36
N LYS B 234 10.15 13.39 -15.29
CA LYS B 234 9.01 14.05 -14.68
C LYS B 234 8.48 15.12 -15.66
N PHE B 235 7.15 15.15 -15.79
CA PHE B 235 6.48 16.12 -16.62
C PHE B 235 6.56 17.46 -15.90
N SER B 236 6.98 18.49 -16.60
CA SER B 236 7.30 19.79 -16.00
C SER B 236 6.64 20.92 -16.82
N PHE B 237 6.06 21.92 -16.16
CA PHE B 237 5.18 22.88 -16.86
C PHE B 237 5.77 23.54 -18.10
N PRO B 238 7.05 23.97 -18.06
CA PRO B 238 7.63 24.60 -19.24
C PRO B 238 7.80 23.62 -20.43
N THR B 239 8.34 22.42 -20.17
CA THR B 239 8.50 21.40 -21.21
C THR B 239 7.15 21.10 -21.88
N ILE B 240 6.10 20.91 -21.11
CA ILE B 240 4.76 20.72 -21.68
C ILE B 240 4.30 21.87 -22.58
N HIS B 241 4.54 23.12 -22.20
CA HIS B 241 4.03 24.25 -22.99
C HIS B 241 4.80 24.33 -24.30
N ALA B 242 6.11 24.06 -24.23
CA ALA B 242 6.93 24.03 -25.44
C ALA B 242 6.32 23.01 -26.41
N ILE B 243 6.35 21.75 -25.99
CA ILE B 243 5.82 20.61 -26.71
C ILE B 243 4.41 20.80 -27.29
N TRP B 244 3.59 21.75 -26.79
CA TRP B 244 2.28 22.00 -27.46
C TRP B 244 2.23 23.39 -28.11
N SER B 245 3.24 23.66 -28.95
CA SER B 245 3.27 24.75 -29.95
C SER B 245 2.04 24.66 -30.88
N ASP B 275 14.34 27.89 -27.62
CA ASP B 275 13.76 28.64 -28.73
C ASP B 275 12.38 29.24 -28.41
N VAL B 276 11.62 28.51 -27.59
CA VAL B 276 10.19 28.69 -27.52
C VAL B 276 9.80 29.80 -26.55
N GLY B 277 10.60 30.04 -25.51
CA GLY B 277 10.27 31.05 -24.49
C GLY B 277 9.05 30.59 -23.68
N SER B 278 9.11 29.34 -23.24
CA SER B 278 8.18 28.78 -22.29
C SER B 278 8.47 29.44 -20.94
N PHE B 279 9.77 29.66 -20.66
CA PHE B 279 10.20 30.44 -19.49
C PHE B 279 9.46 31.80 -19.41
N GLU B 280 9.40 32.52 -20.52
CA GLU B 280 8.60 33.76 -20.64
C GLU B 280 7.12 33.56 -20.24
N TYR B 281 6.52 32.50 -20.77
CA TYR B 281 5.12 32.12 -20.46
C TYR B 281 4.91 31.63 -19.03
N THR B 282 5.90 30.89 -18.51
CA THR B 282 5.83 30.33 -17.16
C THR B 282 5.91 31.46 -16.15
N ARG B 283 6.85 32.39 -16.35
CA ARG B 283 6.94 33.65 -15.59
C ARG B 283 5.57 34.28 -15.53
N ASN B 284 5.03 34.65 -16.69
CA ASN B 284 3.66 35.19 -16.81
C ASN B 284 2.63 34.36 -16.03
N THR B 285 2.50 33.08 -16.37
CA THR B 285 1.56 32.16 -15.67
C THR B 285 1.72 32.12 -14.11
N LEU B 286 2.94 32.28 -13.60
CA LEU B 286 3.22 32.22 -12.15
C LEU B 286 2.80 33.44 -11.36
N LYS B 287 3.27 34.58 -11.82
CA LYS B 287 2.80 35.86 -11.34
C LYS B 287 1.25 35.86 -11.33
N GLU B 288 0.62 35.46 -12.44
CA GLU B 288 -0.85 35.49 -12.57
C GLU B 288 -1.61 34.75 -11.45
N LEU B 289 -0.99 33.68 -10.92
CA LEU B 289 -1.57 32.89 -9.81
C LEU B 289 -1.41 33.65 -8.50
N GLU B 290 -0.16 33.98 -8.19
CA GLU B 290 0.24 34.82 -7.05
C GLU B 290 -0.75 35.97 -6.80
N ALA B 291 -1.13 36.62 -7.90
CA ALA B 291 -2.26 37.59 -7.94
C ALA B 291 -3.57 37.04 -7.35
N LYS B 292 -4.03 35.89 -7.89
CA LYS B 292 -5.19 35.18 -7.35
C LYS B 292 -4.92 34.61 -5.92
N ALA B 293 -3.64 34.43 -5.55
CA ALA B 293 -3.28 34.04 -4.16
C ALA B 293 -3.74 35.11 -3.20
N TYR B 294 -3.23 36.31 -3.46
CA TYR B 294 -3.57 37.51 -2.70
C TYR B 294 -5.08 37.85 -2.73
N LYS B 295 -5.74 37.82 -3.90
CA LYS B 295 -7.19 38.14 -3.96
C LYS B 295 -8.11 37.09 -3.26
N GLN B 296 -7.65 35.86 -3.05
CA GLN B 296 -8.40 34.86 -2.24
C GLN B 296 -7.92 34.79 -0.79
N ILE B 297 -6.62 35.09 -0.55
CA ILE B 297 -6.07 35.28 0.81
C ILE B 297 -6.85 36.38 1.54
N ASP B 298 -7.15 37.47 0.83
CA ASP B 298 -7.81 38.59 1.45
C ASP B 298 -9.25 38.23 1.80
N ALA B 299 -10.07 37.79 0.83
CA ALA B 299 -11.48 37.40 1.13
C ALA B 299 -11.69 36.34 2.24
N ARG B 300 -10.58 35.73 2.71
CA ARG B 300 -10.52 34.94 3.96
C ARG B 300 -9.93 35.77 5.13
N GLY B 301 -10.28 37.05 5.23
CA GLY B 301 -9.76 37.93 6.28
C GLY B 301 -8.25 38.19 6.38
N GLY B 302 -7.48 37.91 5.31
CA GLY B 302 -6.02 38.21 5.28
C GLY B 302 -5.15 37.35 6.18
N ASN B 303 -3.84 37.29 5.89
CA ASN B 303 -2.85 36.50 6.68
C ASN B 303 -1.38 36.86 6.41
N PRO B 304 -0.82 37.74 7.25
CA PRO B 304 0.59 38.13 7.25
C PRO B 304 1.64 37.04 7.11
N GLU B 305 1.58 35.98 7.92
CA GLU B 305 2.64 34.95 7.88
C GLU B 305 2.84 34.34 6.50
N LEU B 306 1.69 34.02 5.88
CA LEU B 306 1.61 33.33 4.58
C LEU B 306 2.13 34.20 3.45
N VAL B 307 1.60 35.43 3.39
CA VAL B 307 1.91 36.39 2.32
C VAL B 307 3.42 36.75 2.30
N ALA B 308 4.05 36.70 3.48
CA ALA B 308 5.50 36.76 3.66
C ALA B 308 6.25 35.66 2.94
N LEU B 309 5.75 34.43 3.12
CA LEU B 309 6.30 33.23 2.47
C LEU B 309 6.04 33.17 0.95
N VAL B 310 4.94 33.77 0.48
CA VAL B 310 4.66 33.91 -0.95
C VAL B 310 5.63 34.90 -1.62
N LYS B 311 5.54 36.17 -1.19
CA LYS B 311 6.39 37.24 -1.70
C LYS B 311 7.88 36.86 -1.56
N HIS B 312 8.30 36.15 -0.49
CA HIS B 312 9.67 35.60 -0.45
C HIS B 312 9.90 34.69 -1.64
N LEU B 313 9.01 33.72 -1.82
CA LEU B 313 9.25 32.67 -2.82
C LEU B 313 9.20 33.16 -4.25
N SER B 314 8.39 34.19 -4.52
CA SER B 314 8.34 34.83 -5.86
C SER B 314 9.70 35.44 -6.39
N LYS B 315 10.79 35.30 -5.63
CA LYS B 315 12.20 35.44 -6.09
C LYS B 315 12.59 34.80 -7.49
N MET B 316 12.13 33.55 -7.75
CA MET B 316 12.69 32.65 -8.81
C MET B 316 11.99 32.87 -10.15
#